data_1H0B
#
_entry.id   1H0B
#
_cell.length_a   56.099
_cell.length_b   67.779
_cell.length_c   132.262
_cell.angle_alpha   90.00
_cell.angle_beta   90.00
_cell.angle_gamma   90.00
#
_symmetry.space_group_name_H-M   'P 21 21 21'
#
loop_
_entity.id
_entity.type
_entity.pdbx_description
1 polymer CELLULASE
2 non-polymer '4-(2-HYDROXYETHYL)-1-PIPERAZINE ETHANESULFONIC ACID'
3 water water
#
_entity_poly.entity_id   1
_entity_poly.type   'polypeptide(L)'
_entity_poly.pdbx_seq_one_letter_code
;MTVELCGRWDARDVAGGRYRVINNVWGAETAQCIEVGLETGNFTITRADHDNGNNVAAYPAIYFGCHWGACTSNSGLPRR
VQELSDVRTSWTLTPITTGRWNAAYDIWFSPVTNSGNGYSGGAELMIWLNWNGGVMPGGSRVATVELAGATWEVWYADWD
WNYIAYRRTTPTTSVSELDLKAFIDDAVARGYIRPEWYLHAVETGFELWEGGAGLRSADFSVTVQKLAAALEIKRASQPE
LAPEDPEDVEHHHHHH
;
_entity_poly.pdbx_strand_id   A,B
#
loop_
_chem_comp.id
_chem_comp.type
_chem_comp.name
_chem_comp.formula
EPE non-polymer '4-(2-HYDROXYETHYL)-1-PIPERAZINE ETHANESULFONIC ACID' 'C8 H18 N2 O4 S'
#
# COMPACT_ATOMS: atom_id res chain seq x y z
N THR A 2 2.17 5.16 -17.32
CA THR A 2 0.99 5.01 -16.41
C THR A 2 0.67 3.55 -16.13
N VAL A 3 -0.11 3.31 -15.10
CA VAL A 3 -0.51 1.96 -14.73
C VAL A 3 -1.99 1.96 -14.39
N GLU A 4 -2.70 0.92 -14.83
CA GLU A 4 -4.13 0.84 -14.53
C GLU A 4 -4.33 -0.12 -13.37
N LEU A 5 -5.00 0.37 -12.32
CA LEU A 5 -5.29 -0.42 -11.13
C LEU A 5 -6.76 -0.77 -11.11
N CYS A 6 -7.06 -2.06 -11.01
CA CYS A 6 -8.45 -2.52 -10.99
C CYS A 6 -8.82 -3.32 -9.74
N GLY A 7 -7.82 -3.61 -8.91
CA GLY A 7 -8.07 -4.36 -7.69
C GLY A 7 -8.89 -3.53 -6.71
N ARG A 8 -9.74 -4.19 -5.93
CA ARG A 8 -10.60 -3.50 -4.96
C ARG A 8 -9.85 -2.61 -3.97
N TRP A 9 -8.72 -3.11 -3.48
CA TRP A 9 -7.90 -2.38 -2.52
C TRP A 9 -6.54 -2.02 -3.10
N ASP A 10 -6.45 -1.92 -4.43
CA ASP A 10 -5.20 -1.61 -5.11
C ASP A 10 -4.66 -0.23 -4.75
N ALA A 11 -3.35 -0.07 -4.81
CA ALA A 11 -2.71 1.18 -4.48
C ALA A 11 -1.34 1.30 -5.12
N ARG A 12 -0.82 2.52 -5.15
CA ARG A 12 0.50 2.81 -5.67
C ARG A 12 1.05 4.04 -4.98
N ASP A 13 2.30 3.96 -4.54
CA ASP A 13 2.96 5.10 -3.95
C ASP A 13 3.38 5.95 -5.13
N VAL A 14 3.25 7.26 -5.00
CA VAL A 14 3.59 8.17 -6.10
C VAL A 14 4.42 9.34 -5.61
N ALA A 15 4.94 10.13 -6.54
CA ALA A 15 5.74 11.30 -6.23
C ALA A 15 6.86 11.01 -5.23
N GLY A 16 7.62 9.95 -5.51
CA GLY A 16 8.72 9.57 -4.64
C GLY A 16 8.28 9.08 -3.27
N GLY A 17 7.01 8.67 -3.16
CA GLY A 17 6.49 8.19 -1.90
C GLY A 17 5.81 9.25 -1.05
N ARG A 18 5.78 10.50 -1.52
CA ARG A 18 5.16 11.57 -0.75
C ARG A 18 3.65 11.39 -0.64
N TYR A 19 3.03 10.84 -1.70
CA TYR A 19 1.60 10.61 -1.72
C TYR A 19 1.31 9.16 -2.08
N ARG A 20 0.05 8.74 -1.92
CA ARG A 20 -0.36 7.39 -2.25
C ARG A 20 -1.75 7.42 -2.84
N VAL A 21 -1.93 6.71 -3.95
CA VAL A 21 -3.21 6.65 -4.64
C VAL A 21 -3.85 5.29 -4.34
N ILE A 22 -5.14 5.31 -4.00
CA ILE A 22 -5.86 4.09 -3.66
C ILE A 22 -7.14 3.95 -4.48
N ASN A 23 -7.40 2.76 -5.01
CA ASN A 23 -8.59 2.51 -5.81
C ASN A 23 -9.78 2.62 -4.85
N ASN A 24 -9.61 2.02 -3.66
CA ASN A 24 -10.59 2.13 -2.57
C ASN A 24 -12.07 1.87 -2.88
N VAL A 25 -12.39 0.69 -3.40
CA VAL A 25 -13.80 0.36 -3.68
C VAL A 25 -14.32 -0.28 -2.40
N TRP A 26 -14.52 0.55 -1.38
CA TRP A 26 -14.94 0.11 -0.06
C TRP A 26 -16.41 -0.26 0.16
N GLY A 27 -17.32 0.34 -0.60
CA GLY A 27 -18.73 0.07 -0.39
C GLY A 27 -19.50 -0.75 -1.40
N ALA A 28 -18.81 -1.39 -2.33
CA ALA A 28 -19.48 -2.20 -3.35
C ALA A 28 -18.56 -3.24 -3.95
N GLU A 29 -19.12 -4.12 -4.76
N GLU A 29 -19.11 -4.12 -4.77
CA GLU A 29 -18.37 -5.19 -5.41
CA GLU A 29 -18.33 -5.17 -5.42
C GLU A 29 -18.26 -4.95 -6.92
C GLU A 29 -18.25 -4.94 -6.93
N THR A 30 -18.85 -3.84 -7.39
CA THR A 30 -18.83 -3.49 -8.81
C THR A 30 -17.42 -3.06 -9.24
N ALA A 31 -17.08 -3.32 -10.49
CA ALA A 31 -15.76 -3.02 -11.02
C ALA A 31 -15.40 -1.54 -11.15
N GLN A 32 -14.11 -1.26 -10.92
CA GLN A 32 -13.59 0.09 -11.02
C GLN A 32 -12.09 0.04 -11.29
N CYS A 33 -11.65 0.86 -12.24
CA CYS A 33 -10.24 0.95 -12.56
C CYS A 33 -9.85 2.42 -12.68
N ILE A 34 -8.64 2.74 -12.28
CA ILE A 34 -8.11 4.08 -12.39
C ILE A 34 -6.75 3.95 -13.04
N GLU A 35 -6.41 4.90 -13.91
CA GLU A 35 -5.12 4.91 -14.60
C GLU A 35 -4.31 5.99 -13.92
N VAL A 36 -3.20 5.59 -13.31
CA VAL A 36 -2.35 6.50 -12.53
C VAL A 36 -0.99 6.86 -13.11
N GLY A 37 -0.66 8.15 -13.02
CA GLY A 37 0.64 8.63 -13.46
C GLY A 37 1.49 8.50 -12.21
N LEU A 38 2.56 7.71 -12.29
CA LEU A 38 3.40 7.47 -11.13
C LEU A 38 4.22 8.62 -10.53
N GLU A 39 4.63 9.59 -11.34
CA GLU A 39 5.41 10.71 -10.82
C GLU A 39 4.58 11.78 -10.16
N THR A 40 3.35 11.97 -10.63
CA THR A 40 2.47 13.00 -10.10
C THR A 40 1.33 12.49 -9.23
N GLY A 41 0.87 11.28 -9.52
CA GLY A 41 -0.26 10.73 -8.80
C GLY A 41 -1.56 11.08 -9.52
N ASN A 42 -1.45 11.82 -10.63
CA ASN A 42 -2.64 12.21 -11.40
C ASN A 42 -3.33 10.93 -11.87
N PHE A 43 -4.66 10.89 -11.77
CA PHE A 43 -5.38 9.69 -12.20
C PHE A 43 -6.73 9.96 -12.82
N THR A 44 -7.10 9.09 -13.75
CA THR A 44 -8.40 9.17 -14.40
C THR A 44 -9.16 7.89 -14.08
N ILE A 45 -10.44 8.00 -13.78
CA ILE A 45 -11.25 6.82 -13.52
C ILE A 45 -11.60 6.29 -14.92
N THR A 46 -10.99 5.17 -15.30
CA THR A 46 -11.22 4.59 -16.62
C THR A 46 -12.42 3.64 -16.71
N ARG A 47 -12.82 3.10 -15.57
CA ARG A 47 -13.97 2.20 -15.51
C ARG A 47 -14.63 2.32 -14.15
N ALA A 48 -15.96 2.39 -14.14
CA ALA A 48 -16.72 2.49 -12.90
C ALA A 48 -18.13 1.98 -13.18
N ASP A 49 -18.38 0.72 -12.84
CA ASP A 49 -19.68 0.09 -13.07
C ASP A 49 -20.67 0.29 -11.93
N HIS A 50 -20.37 1.21 -11.01
CA HIS A 50 -21.21 1.45 -9.85
C HIS A 50 -22.63 1.93 -10.12
N ASP A 51 -23.56 1.41 -9.30
CA ASP A 51 -24.98 1.73 -9.34
C ASP A 51 -25.39 1.26 -7.94
N ASN A 52 -24.95 2.03 -6.95
CA ASN A 52 -25.14 1.71 -5.53
C ASN A 52 -26.29 2.38 -4.78
N GLY A 53 -27.23 2.98 -5.49
CA GLY A 53 -28.35 3.64 -4.83
C GLY A 53 -27.96 4.85 -3.99
N ASN A 54 -28.43 4.86 -2.74
N ASN A 54 -28.41 4.86 -2.73
CA ASN A 54 -28.16 5.97 -1.82
CA ASN A 54 -28.15 5.97 -1.83
C ASN A 54 -26.86 5.81 -1.01
C ASN A 54 -26.86 5.81 -1.02
N ASN A 55 -26.16 4.70 -1.23
CA ASN A 55 -24.91 4.43 -0.51
C ASN A 55 -23.67 4.61 -1.40
N VAL A 56 -22.61 5.16 -0.81
CA VAL A 56 -21.34 5.35 -1.55
C VAL A 56 -20.72 3.99 -1.88
N ALA A 57 -20.29 3.84 -3.13
CA ALA A 57 -19.68 2.60 -3.60
C ALA A 57 -18.17 2.58 -3.45
N ALA A 58 -17.54 3.73 -3.68
CA ALA A 58 -16.09 3.82 -3.62
C ALA A 58 -15.61 5.24 -3.46
N TYR A 59 -14.33 5.39 -3.14
CA TYR A 59 -13.70 6.69 -2.98
C TYR A 59 -12.27 6.64 -3.50
N PRO A 60 -12.09 6.52 -4.83
CA PRO A 60 -10.72 6.50 -5.37
C PRO A 60 -10.11 7.82 -4.94
N ALA A 61 -8.92 7.78 -4.38
CA ALA A 61 -8.31 8.99 -3.86
C ALA A 61 -6.80 8.97 -3.81
N ILE A 62 -6.25 10.14 -3.55
CA ILE A 62 -4.82 10.32 -3.38
C ILE A 62 -4.70 10.93 -1.98
N TYR A 63 -3.73 10.48 -1.21
CA TYR A 63 -3.59 11.01 0.14
C TYR A 63 -2.16 11.27 0.60
N PHE A 64 -2.10 12.05 1.67
CA PHE A 64 -0.87 12.45 2.33
C PHE A 64 -1.10 12.11 3.80
N GLY A 65 -0.18 11.36 4.40
CA GLY A 65 -0.36 11.01 5.80
C GLY A 65 -0.67 9.54 6.00
N CYS A 66 -1.47 9.26 7.04
CA CYS A 66 -1.83 7.90 7.41
C CYS A 66 -3.31 7.54 7.25
N HIS A 67 -3.58 6.64 6.32
CA HIS A 67 -4.94 6.16 6.04
C HIS A 67 -5.06 4.76 6.62
N TRP A 68 -5.79 4.65 7.73
CA TRP A 68 -5.98 3.37 8.41
C TRP A 68 -4.65 2.64 8.67
N GLY A 69 -3.66 3.39 9.14
CA GLY A 69 -2.36 2.81 9.45
C GLY A 69 -1.34 2.79 8.34
N ALA A 70 -1.79 2.95 7.09
CA ALA A 70 -0.88 2.96 5.93
C ALA A 70 -0.43 4.39 5.70
N CYS A 71 0.82 4.69 6.08
CA CYS A 71 1.34 6.04 5.95
C CYS A 71 2.25 6.29 4.76
N THR A 72 2.22 7.53 4.28
CA THR A 72 3.08 7.93 3.17
C THR A 72 4.45 8.25 3.78
N SER A 73 5.45 8.47 2.93
N SER A 73 5.45 8.47 2.92
CA SER A 73 6.80 8.75 3.40
CA SER A 73 6.82 8.76 3.36
C SER A 73 7.08 10.18 3.86
C SER A 73 7.07 10.18 3.86
N ASN A 74 7.59 10.29 5.09
N ASN A 74 7.60 10.28 5.07
CA ASN A 74 7.96 11.56 5.71
CA ASN A 74 7.94 11.55 5.72
C ASN A 74 6.87 12.65 5.64
C ASN A 74 6.87 12.64 5.65
N SER A 75 5.64 12.29 6.01
CA SER A 75 4.54 13.24 5.99
C SER A 75 4.58 14.20 7.17
N GLY A 76 5.17 13.75 8.28
CA GLY A 76 5.23 14.58 9.47
C GLY A 76 3.94 14.43 10.26
N LEU A 77 3.07 13.53 9.80
CA LEU A 77 1.79 13.26 10.46
C LEU A 77 1.86 11.86 11.07
N PRO A 78 1.04 11.57 12.09
CA PRO A 78 0.06 12.48 12.69
C PRO A 78 0.69 13.58 13.54
N ARG A 79 -0.03 14.70 13.65
CA ARG A 79 0.43 15.83 14.43
C ARG A 79 -0.80 16.50 15.04
N ARG A 80 -0.66 16.98 16.27
CA ARG A 80 -1.76 17.64 16.95
C ARG A 80 -2.20 18.93 16.28
N VAL A 81 -3.51 19.15 16.25
CA VAL A 81 -4.07 20.35 15.65
C VAL A 81 -3.46 21.61 16.27
N GLN A 82 -3.31 21.59 17.59
CA GLN A 82 -2.75 22.73 18.31
C GLN A 82 -1.30 23.03 17.96
N GLU A 83 -0.63 22.08 17.28
CA GLU A 83 0.76 22.26 16.87
C GLU A 83 0.93 22.63 15.40
N LEU A 84 -0.17 22.78 14.68
CA LEU A 84 -0.13 23.16 13.26
C LEU A 84 -0.22 24.67 13.08
N SER A 85 0.66 25.23 12.26
CA SER A 85 0.64 26.66 12.00
C SER A 85 0.08 26.96 10.60
N ASP A 86 0.27 26.02 9.68
CA ASP A 86 -0.19 26.21 8.30
C ASP A 86 -0.39 24.86 7.63
N VAL A 87 -1.51 24.71 6.92
CA VAL A 87 -1.81 23.47 6.19
C VAL A 87 -2.40 23.94 4.86
N ARG A 88 -1.71 23.62 3.76
CA ARG A 88 -2.15 24.04 2.44
C ARG A 88 -2.29 22.88 1.47
N THR A 89 -3.14 23.06 0.46
CA THR A 89 -3.33 22.01 -0.53
C THR A 89 -3.76 22.58 -1.88
N SER A 90 -3.39 21.87 -2.94
CA SER A 90 -3.73 22.25 -4.30
C SER A 90 -4.32 21.02 -4.97
N TRP A 91 -5.20 21.25 -5.94
CA TRP A 91 -5.85 20.17 -6.66
C TRP A 91 -6.59 20.71 -7.87
N THR A 92 -6.62 19.92 -8.93
CA THR A 92 -7.33 20.28 -10.15
C THR A 92 -8.13 19.04 -10.54
N LEU A 93 -9.43 19.21 -10.71
CA LEU A 93 -10.29 18.08 -11.08
C LEU A 93 -10.93 18.35 -12.43
N THR A 94 -11.26 17.27 -13.14
CA THR A 94 -11.93 17.37 -14.43
C THR A 94 -13.27 16.69 -14.20
N PRO A 95 -14.37 17.46 -14.22
CA PRO A 95 -15.70 16.89 -14.00
C PRO A 95 -16.32 16.26 -15.24
N ILE A 96 -17.34 15.44 -15.03
CA ILE A 96 -18.08 14.83 -16.13
C ILE A 96 -19.52 15.30 -15.94
N THR A 97 -20.38 15.05 -16.91
CA THR A 97 -21.77 15.50 -16.81
C THR A 97 -22.78 14.41 -16.45
N THR A 98 -22.30 13.20 -16.23
CA THR A 98 -23.18 12.09 -15.89
C THR A 98 -22.81 11.48 -14.54
N GLY A 99 -23.64 10.55 -14.07
CA GLY A 99 -23.39 9.88 -12.82
C GLY A 99 -23.74 10.64 -11.57
N ARG A 100 -23.51 10.00 -10.43
CA ARG A 100 -23.79 10.59 -9.13
C ARG A 100 -22.49 10.44 -8.36
N TRP A 101 -21.84 11.58 -8.12
CA TRP A 101 -20.54 11.60 -7.45
C TRP A 101 -20.23 12.99 -6.92
N ASN A 102 -19.15 13.08 -6.16
CA ASN A 102 -18.67 14.37 -5.67
C ASN A 102 -17.15 14.37 -5.84
N ALA A 103 -16.57 15.55 -5.74
CA ALA A 103 -15.12 15.74 -5.81
C ALA A 103 -14.89 16.38 -4.46
N ALA A 104 -14.27 15.65 -3.55
CA ALA A 104 -14.11 16.16 -2.21
C ALA A 104 -12.90 15.67 -1.43
N TYR A 105 -12.43 16.55 -0.54
CA TYR A 105 -11.34 16.22 0.36
C TYR A 105 -11.96 15.43 1.51
N ASP A 106 -11.15 14.56 2.11
CA ASP A 106 -11.58 13.75 3.25
C ASP A 106 -10.38 13.87 4.18
N ILE A 107 -10.57 14.54 5.31
CA ILE A 107 -9.49 14.78 6.25
C ILE A 107 -9.83 14.13 7.59
N TRP A 108 -8.92 13.27 8.06
CA TRP A 108 -9.12 12.51 9.28
C TRP A 108 -8.40 12.98 10.54
N PHE A 109 -9.14 12.94 11.65
CA PHE A 109 -8.64 13.36 12.96
C PHE A 109 -9.04 12.31 14.00
N SER A 110 -8.24 12.18 15.05
CA SER A 110 -8.56 11.27 16.14
C SER A 110 -7.73 11.64 17.37
N PRO A 111 -8.19 11.26 18.57
CA PRO A 111 -7.51 11.56 19.83
C PRO A 111 -6.19 10.81 20.01
N VAL A 112 -6.03 9.71 19.27
CA VAL A 112 -4.82 8.88 19.40
C VAL A 112 -3.91 8.88 18.17
N THR A 113 -2.68 8.41 18.35
CA THR A 113 -1.71 8.39 17.26
C THR A 113 -1.81 7.18 16.32
N ASN A 114 -2.43 6.10 16.78
N ASN A 114 -2.44 6.11 16.78
CA ASN A 114 -2.59 4.93 15.94
CA ASN A 114 -2.61 4.90 15.96
C ASN A 114 -3.90 5.02 15.15
C ASN A 114 -3.91 4.99 15.15
N SER A 115 -3.81 4.83 13.84
CA SER A 115 -4.98 4.90 12.97
C SER A 115 -5.31 3.54 12.35
N GLY A 116 -4.60 2.50 12.79
CA GLY A 116 -4.81 1.16 12.26
C GLY A 116 -6.23 0.62 12.35
N ASN A 117 -6.96 1.01 13.39
N ASN A 117 -6.96 1.00 13.40
CA ASN A 117 -8.34 0.54 13.59
CA ASN A 117 -8.33 0.55 13.59
C ASN A 117 -9.37 1.61 13.29
C ASN A 117 -9.37 1.63 13.31
N GLY A 118 -9.00 2.62 12.52
CA GLY A 118 -9.92 3.69 12.18
C GLY A 118 -9.80 4.96 12.99
N TYR A 119 -10.86 5.76 12.96
CA TYR A 119 -10.85 7.04 13.65
C TYR A 119 -12.05 7.26 14.58
N SER A 120 -12.51 6.19 15.23
N SER A 120 -12.49 6.20 15.23
CA SER A 120 -13.63 6.28 16.15
CA SER A 120 -13.62 6.27 16.16
C SER A 120 -13.32 7.27 17.27
C SER A 120 -13.32 7.27 17.27
N GLY A 121 -14.30 8.11 17.59
CA GLY A 121 -14.13 9.10 18.63
C GLY A 121 -13.40 10.34 18.12
N GLY A 122 -13.12 10.37 16.82
CA GLY A 122 -12.44 11.50 16.23
C GLY A 122 -13.36 12.32 15.35
N ALA A 123 -12.86 12.71 14.19
CA ALA A 123 -13.65 13.49 13.24
C ALA A 123 -13.23 13.28 11.79
N GLU A 124 -14.18 13.48 10.90
CA GLU A 124 -13.96 13.38 9.46
C GLU A 124 -14.40 14.73 8.92
N LEU A 125 -13.46 15.47 8.32
CA LEU A 125 -13.78 16.78 7.77
C LEU A 125 -13.70 16.70 6.25
N MET A 126 -14.83 16.95 5.60
CA MET A 126 -14.87 16.90 4.14
C MET A 126 -15.04 18.29 3.56
N ILE A 127 -14.48 18.49 2.37
CA ILE A 127 -14.59 19.76 1.66
C ILE A 127 -15.05 19.41 0.25
N TRP A 128 -16.33 19.64 -0.02
CA TRP A 128 -16.92 19.33 -1.33
C TRP A 128 -16.71 20.50 -2.30
N LEU A 129 -16.01 20.22 -3.40
CA LEU A 129 -15.71 21.24 -4.41
C LEU A 129 -16.60 21.15 -5.64
N ASN A 130 -17.03 19.93 -5.96
CA ASN A 130 -17.87 19.73 -7.14
C ASN A 130 -18.68 18.46 -6.94
N TRP A 131 -19.75 18.31 -7.72
CA TRP A 131 -20.63 17.16 -7.60
C TRP A 131 -21.59 17.10 -8.78
N ASN A 132 -22.35 16.02 -8.86
CA ASN A 132 -23.33 15.84 -9.91
C ASN A 132 -24.35 14.78 -9.48
N GLY A 133 -25.54 14.84 -10.07
CA GLY A 133 -26.56 13.85 -9.77
C GLY A 133 -27.40 14.01 -8.52
N GLY A 134 -27.41 15.20 -7.92
CA GLY A 134 -28.21 15.44 -6.75
C GLY A 134 -27.75 14.88 -5.42
N VAL A 135 -26.48 14.48 -5.33
CA VAL A 135 -25.94 13.92 -4.09
C VAL A 135 -25.80 15.04 -3.05
N MET A 136 -25.98 14.69 -1.78
CA MET A 136 -25.90 15.65 -0.69
C MET A 136 -25.07 15.09 0.46
N PRO A 137 -24.47 15.95 1.28
CA PRO A 137 -23.65 15.51 2.41
C PRO A 137 -24.50 14.84 3.48
N GLY A 138 -23.85 14.10 4.38
CA GLY A 138 -24.57 13.44 5.45
C GLY A 138 -24.98 14.46 6.51
N GLY A 139 -25.87 14.04 7.42
CA GLY A 139 -26.32 14.92 8.48
C GLY A 139 -27.21 16.06 8.03
N SER A 140 -27.07 17.22 8.68
CA SER A 140 -27.87 18.38 8.32
C SER A 140 -27.06 19.67 8.28
N ARG A 141 -27.53 20.62 7.49
CA ARG A 141 -26.86 21.91 7.34
C ARG A 141 -27.09 22.74 8.59
N VAL A 142 -26.00 23.11 9.27
CA VAL A 142 -26.09 23.89 10.49
C VAL A 142 -25.69 25.35 10.31
N ALA A 143 -25.03 25.66 9.19
CA ALA A 143 -24.59 27.02 8.92
C ALA A 143 -24.05 27.20 7.50
N THR A 144 -23.75 28.46 7.18
CA THR A 144 -23.13 28.83 5.91
C THR A 144 -22.15 29.90 6.35
N VAL A 145 -20.88 29.70 6.02
CA VAL A 145 -19.83 30.60 6.45
C VAL A 145 -18.84 30.93 5.34
N GLU A 146 -18.20 32.08 5.46
CA GLU A 146 -17.21 32.54 4.50
C GLU A 146 -15.84 32.13 5.02
N LEU A 147 -15.15 31.29 4.26
CA LEU A 147 -13.83 30.80 4.63
C LEU A 147 -12.92 30.66 3.43
N ALA A 148 -11.64 30.93 3.66
CA ALA A 148 -10.60 30.80 2.64
C ALA A 148 -10.96 31.32 1.25
N GLY A 149 -11.58 32.49 1.19
CA GLY A 149 -11.94 33.10 -0.08
C GLY A 149 -13.24 32.68 -0.74
N ALA A 150 -14.03 31.84 -0.08
CA ALA A 150 -15.29 31.38 -0.64
C ALA A 150 -16.37 31.21 0.42
N THR A 151 -17.57 30.83 -0.01
CA THR A 151 -18.69 30.61 0.90
C THR A 151 -19.03 29.12 0.93
N TRP A 152 -19.20 28.60 2.14
CA TRP A 152 -19.47 27.18 2.32
C TRP A 152 -20.63 26.83 3.25
N GLU A 153 -21.40 25.81 2.86
CA GLU A 153 -22.48 25.31 3.70
C GLU A 153 -21.79 24.35 4.68
N VAL A 154 -22.18 24.40 5.94
CA VAL A 154 -21.59 23.52 6.94
C VAL A 154 -22.58 22.43 7.32
N TRP A 155 -22.22 21.19 7.05
CA TRP A 155 -23.06 20.04 7.38
C TRP A 155 -22.42 19.27 8.51
N TYR A 156 -23.24 18.84 9.47
CA TYR A 156 -22.73 18.10 10.61
C TYR A 156 -23.57 16.87 10.95
N ALA A 157 -22.90 15.81 11.37
CA ALA A 157 -23.55 14.57 11.76
C ALA A 157 -22.74 13.95 12.90
N ASP A 158 -23.45 13.50 13.93
CA ASP A 158 -22.83 12.87 15.09
C ASP A 158 -22.93 11.35 14.94
N TRP A 159 -21.85 10.74 14.44
CA TRP A 159 -21.80 9.28 14.25
C TRP A 159 -20.72 8.74 15.19
N ASP A 160 -20.06 7.65 14.81
CA ASP A 160 -18.99 7.06 15.63
C ASP A 160 -17.85 8.09 15.77
N TRP A 161 -17.81 9.01 14.81
CA TRP A 161 -16.85 10.11 14.80
C TRP A 161 -17.68 11.32 14.33
N ASN A 162 -17.18 12.53 14.54
CA ASN A 162 -17.90 13.71 14.09
C ASN A 162 -17.71 13.89 12.59
N TYR A 163 -18.83 13.98 11.85
CA TYR A 163 -18.77 14.18 10.41
C TYR A 163 -19.06 15.66 10.16
N ILE A 164 -18.11 16.33 9.51
CA ILE A 164 -18.25 17.74 9.18
C ILE A 164 -17.97 17.89 7.70
N ALA A 165 -18.92 18.42 6.95
CA ALA A 165 -18.72 18.61 5.53
C ALA A 165 -18.96 20.06 5.13
N TYR A 166 -17.96 20.64 4.47
CA TYR A 166 -18.05 22.01 3.98
C TYR A 166 -18.32 21.90 2.50
N ARG A 167 -19.48 22.37 2.07
CA ARG A 167 -19.87 22.28 0.67
C ARG A 167 -19.89 23.66 0.05
N ARG A 168 -19.07 23.88 -0.97
CA ARG A 168 -18.98 25.17 -1.63
C ARG A 168 -20.37 25.56 -2.17
N THR A 169 -20.74 26.82 -2.02
CA THR A 169 -22.05 27.27 -2.49
C THR A 169 -22.17 27.18 -4.01
N THR A 170 -21.04 27.29 -4.70
CA THR A 170 -20.99 27.15 -6.15
C THR A 170 -19.79 26.24 -6.42
N PRO A 171 -19.94 25.27 -7.33
CA PRO A 171 -18.82 24.37 -7.64
C PRO A 171 -17.61 25.02 -8.29
N THR A 172 -16.46 24.38 -8.12
CA THR A 172 -15.22 24.86 -8.71
C THR A 172 -14.45 23.64 -9.22
N THR A 173 -13.45 23.88 -10.06
CA THR A 173 -12.66 22.77 -10.60
C THR A 173 -11.20 22.77 -10.17
N SER A 174 -10.80 23.80 -9.43
N SER A 174 -10.80 23.78 -9.40
CA SER A 174 -9.40 23.91 -8.99
CA SER A 174 -9.43 23.86 -8.93
C SER A 174 -9.19 24.82 -7.78
C SER A 174 -9.25 24.76 -7.72
N VAL A 175 -8.24 24.44 -6.93
CA VAL A 175 -7.87 25.22 -5.74
C VAL A 175 -6.35 25.20 -5.73
N SER A 176 -5.75 26.33 -5.38
CA SER A 176 -4.30 26.42 -5.32
C SER A 176 -3.94 26.99 -3.97
N GLU A 177 -3.21 26.19 -3.18
CA GLU A 177 -2.78 26.58 -1.84
C GLU A 177 -3.98 26.99 -0.99
N LEU A 178 -5.00 26.15 -0.99
CA LEU A 178 -6.21 26.37 -0.20
C LEU A 178 -5.81 26.26 1.27
N ASP A 179 -6.29 27.21 2.06
CA ASP A 179 -6.00 27.26 3.49
C ASP A 179 -6.86 26.26 4.27
N LEU A 180 -6.34 25.05 4.45
CA LEU A 180 -7.08 24.02 5.19
C LEU A 180 -7.21 24.34 6.67
N LYS A 181 -6.25 25.08 7.22
N LYS A 181 -6.25 25.08 7.22
CA LYS A 181 -6.29 25.45 8.62
CA LYS A 181 -6.28 25.46 8.62
C LYS A 181 -7.51 26.30 8.94
C LYS A 181 -7.50 26.32 8.95
N ALA A 182 -7.99 27.07 7.95
CA ALA A 182 -9.17 27.92 8.14
C ALA A 182 -10.39 27.04 8.44
N PHE A 183 -10.47 25.90 7.75
CA PHE A 183 -11.58 24.97 7.96
C PHE A 183 -11.42 24.26 9.29
N ILE A 184 -10.17 23.89 9.61
CA ILE A 184 -9.89 23.22 10.87
C ILE A 184 -10.25 24.15 12.05
N ASP A 185 -9.83 25.41 11.95
CA ASP A 185 -10.12 26.41 12.99
C ASP A 185 -11.61 26.60 13.20
N ASP A 186 -12.36 26.65 12.09
CA ASP A 186 -13.80 26.81 12.16
C ASP A 186 -14.44 25.62 12.87
N ALA A 187 -14.00 24.41 12.51
CA ALA A 187 -14.52 23.19 13.11
C ALA A 187 -14.21 23.15 14.61
N VAL A 188 -13.04 23.64 14.99
CA VAL A 188 -12.62 23.68 16.39
C VAL A 188 -13.54 24.63 17.16
N ALA A 189 -13.78 25.81 16.60
CA ALA A 189 -14.64 26.82 17.21
C ALA A 189 -16.07 26.32 17.44
N ARG A 190 -16.53 25.42 16.57
CA ARG A 190 -17.87 24.86 16.69
C ARG A 190 -17.91 23.68 17.65
N GLY A 191 -16.74 23.26 18.12
CA GLY A 191 -16.66 22.14 19.05
C GLY A 191 -16.70 20.78 18.38
N TYR A 192 -16.48 20.75 17.07
CA TYR A 192 -16.49 19.49 16.31
C TYR A 192 -15.14 18.78 16.32
N ILE A 193 -14.08 19.54 16.54
CA ILE A 193 -12.72 18.99 16.59
C ILE A 193 -12.03 19.59 17.81
N ARG A 194 -11.28 18.77 18.54
CA ARG A 194 -10.57 19.23 19.72
C ARG A 194 -9.13 19.55 19.33
N PRO A 195 -8.54 20.62 19.91
CA PRO A 195 -7.16 21.03 19.64
C PRO A 195 -6.13 19.95 19.94
N GLU A 196 -6.45 19.10 20.92
CA GLU A 196 -5.56 18.02 21.34
C GLU A 196 -5.56 16.83 20.39
N TRP A 197 -6.53 16.78 19.49
CA TRP A 197 -6.61 15.67 18.53
C TRP A 197 -5.54 15.77 17.46
N TYR A 198 -5.25 14.64 16.83
CA TYR A 198 -4.24 14.57 15.79
C TYR A 198 -4.82 14.59 14.40
N LEU A 199 -4.13 15.26 13.49
CA LEU A 199 -4.50 15.29 12.08
C LEU A 199 -3.75 14.08 11.56
N HIS A 200 -4.45 13.10 11.01
CA HIS A 200 -3.82 11.89 10.49
C HIS A 200 -3.57 11.86 9.00
N ALA A 201 -4.53 12.34 8.21
CA ALA A 201 -4.38 12.31 6.77
C ALA A 201 -5.20 13.35 6.05
N VAL A 202 -4.68 13.81 4.92
CA VAL A 202 -5.38 14.75 4.06
C VAL A 202 -5.53 14.00 2.74
N GLU A 203 -6.77 13.73 2.37
CA GLU A 203 -7.06 12.98 1.15
C GLU A 203 -8.02 13.73 0.27
N THR A 204 -8.00 13.42 -1.02
CA THR A 204 -8.96 14.01 -1.94
C THR A 204 -9.24 13.01 -3.03
N GLY A 205 -10.46 13.04 -3.55
CA GLY A 205 -10.82 12.09 -4.58
C GLY A 205 -12.28 12.27 -4.93
N PHE A 206 -12.92 11.19 -5.35
CA PHE A 206 -14.31 11.25 -5.75
C PHE A 206 -15.16 10.18 -5.08
N GLU A 207 -16.17 10.59 -4.33
CA GLU A 207 -17.07 9.60 -3.73
C GLU A 207 -18.01 9.23 -4.88
N LEU A 208 -18.11 7.95 -5.17
CA LEU A 208 -18.95 7.49 -6.27
C LEU A 208 -20.17 6.69 -5.82
N TRP A 209 -21.35 7.11 -6.28
CA TRP A 209 -22.61 6.44 -6.00
C TRP A 209 -23.01 5.68 -7.26
N GLU A 210 -22.90 6.35 -8.40
CA GLU A 210 -23.26 5.77 -9.69
C GLU A 210 -22.31 6.29 -10.78
N GLY A 211 -21.70 5.37 -11.52
CA GLY A 211 -20.79 5.74 -12.59
C GLY A 211 -19.52 6.42 -12.10
N GLY A 212 -19.01 7.34 -12.92
CA GLY A 212 -17.81 8.07 -12.55
C GLY A 212 -16.67 8.01 -13.56
N ALA A 213 -16.77 7.16 -14.56
CA ALA A 213 -15.72 7.04 -15.58
C ALA A 213 -15.50 8.37 -16.30
N GLY A 214 -14.24 8.80 -16.38
CA GLY A 214 -13.94 10.06 -17.04
C GLY A 214 -13.43 11.13 -16.08
N LEU A 215 -13.78 11.00 -14.80
CA LEU A 215 -13.34 11.96 -13.79
C LEU A 215 -11.81 11.90 -13.67
N ARG A 216 -11.18 13.07 -13.55
CA ARG A 216 -9.71 13.10 -13.43
C ARG A 216 -9.25 13.94 -12.25
N SER A 217 -8.25 13.44 -11.55
CA SER A 217 -7.64 14.10 -10.41
C SER A 217 -6.22 14.48 -10.83
N ALA A 218 -5.82 15.73 -10.60
CA ALA A 218 -4.48 16.17 -10.96
C ALA A 218 -3.92 17.28 -10.09
N ASP A 219 -2.61 17.49 -10.20
CA ASP A 219 -1.90 18.55 -9.47
C ASP A 219 -2.06 18.53 -7.96
N PHE A 220 -2.17 17.34 -7.38
CA PHE A 220 -2.33 17.25 -5.93
C PHE A 220 -1.06 17.59 -5.17
N SER A 221 -1.23 18.35 -4.09
N SER A 221 -1.21 18.37 -4.11
CA SER A 221 -0.12 18.76 -3.24
CA SER A 221 -0.10 18.75 -3.24
C SER A 221 -0.65 19.12 -1.86
C SER A 221 -0.63 19.14 -1.87
N VAL A 222 0.15 18.82 -0.83
CA VAL A 222 -0.21 19.13 0.54
C VAL A 222 1.07 19.48 1.26
N THR A 223 1.03 20.54 2.06
CA THR A 223 2.17 20.93 2.87
C THR A 223 1.64 21.21 4.27
N VAL A 224 2.43 20.83 5.26
CA VAL A 224 2.08 21.03 6.65
C VAL A 224 3.26 21.69 7.35
N GLN A 225 2.98 22.77 8.09
CA GLN A 225 4.01 23.49 8.82
C GLN A 225 3.63 23.47 10.29
N LYS A 226 4.60 23.11 11.15
CA LYS A 226 4.36 23.06 12.58
C LYS A 226 4.76 24.36 13.27
N LEU A 227 4.19 24.62 14.45
CA LEU A 227 4.51 25.81 15.21
C LEU A 227 5.96 25.77 15.70
N ALA A 228 6.65 26.81 15.58
N THR B 2 17.39 -1.67 -20.40
CA THR B 2 17.25 -1.74 -18.92
C THR B 2 17.13 -0.37 -18.27
N VAL B 3 16.70 -0.34 -17.02
CA VAL B 3 16.54 0.90 -16.28
C VAL B 3 17.16 0.73 -14.89
N GLU B 4 17.81 1.77 -14.40
CA GLU B 4 18.42 1.70 -13.08
C GLU B 4 17.56 2.47 -12.07
N LEU B 5 17.23 1.79 -10.98
CA LEU B 5 16.40 2.37 -9.92
C LEU B 5 17.27 2.58 -8.68
N CYS B 6 17.39 3.83 -8.24
CA CYS B 6 18.18 4.16 -7.06
C CYS B 6 17.35 4.77 -5.94
N GLY B 7 16.08 5.06 -6.22
CA GLY B 7 15.22 5.63 -5.21
C GLY B 7 14.90 4.59 -4.14
N ARG B 8 14.84 5.03 -2.89
CA ARG B 8 14.57 4.15 -1.77
C ARG B 8 13.29 3.32 -1.94
N TRP B 9 12.27 3.94 -2.54
CA TRP B 9 11.00 3.25 -2.75
C TRP B 9 10.68 3.08 -4.24
N ASP B 10 11.71 3.13 -5.08
CA ASP B 10 11.52 2.97 -6.52
C ASP B 10 11.01 1.59 -6.85
N ALA B 11 10.20 1.52 -7.91
CA ALA B 11 9.62 0.26 -8.34
C ALA B 11 9.25 0.36 -9.81
N ARG B 12 9.13 -0.81 -10.45
N ARG B 12 9.12 -0.80 -10.46
CA ARG B 12 8.76 -0.88 -11.86
CA ARG B 12 8.75 -0.86 -11.86
C ARG B 12 7.91 -2.11 -12.14
C ARG B 12 7.91 -2.09 -12.14
N ASP B 13 6.85 -1.93 -12.94
CA ASP B 13 5.99 -3.04 -13.30
C ASP B 13 6.76 -3.68 -14.45
N VAL B 14 6.85 -5.01 -14.42
CA VAL B 14 7.60 -5.73 -15.45
C VAL B 14 6.81 -6.88 -16.04
N ALA B 15 7.34 -7.45 -17.12
CA ALA B 15 6.73 -8.58 -17.81
C ALA B 15 5.25 -8.32 -18.12
N GLY B 16 4.97 -7.18 -18.73
CA GLY B 16 3.61 -6.83 -19.09
C GLY B 16 2.71 -6.57 -17.89
N GLY B 17 3.33 -6.32 -16.74
CA GLY B 17 2.57 -6.06 -15.53
C GLY B 17 2.31 -7.28 -14.65
N ARG B 18 2.75 -8.46 -15.10
CA ARG B 18 2.53 -9.68 -14.31
C ARG B 18 3.30 -9.65 -13.00
N TYR B 19 4.49 -9.07 -13.01
CA TYR B 19 5.30 -8.98 -11.80
C TYR B 19 5.69 -7.53 -11.56
N ARG B 20 6.32 -7.28 -10.40
CA ARG B 20 6.75 -5.94 -10.04
C ARG B 20 8.06 -6.05 -9.26
N VAL B 21 9.01 -5.19 -9.62
CA VAL B 21 10.33 -5.16 -8.96
C VAL B 21 10.40 -3.93 -8.07
N ILE B 22 10.85 -4.13 -6.83
CA ILE B 22 10.96 -3.04 -5.86
C ILE B 22 12.37 -2.90 -5.30
N ASN B 23 12.88 -1.67 -5.24
CA ASN B 23 14.22 -1.41 -4.69
C ASN B 23 14.15 -1.76 -3.22
N ASN B 24 13.04 -1.35 -2.59
CA ASN B 24 12.74 -1.69 -1.20
C ASN B 24 13.83 -1.50 -0.14
N VAL B 25 14.39 -0.30 -0.04
CA VAL B 25 15.42 -0.03 0.98
C VAL B 25 14.64 0.39 2.23
N TRP B 26 14.01 -0.60 2.87
CA TRP B 26 13.17 -0.36 4.02
C TRP B 26 13.79 -0.13 5.39
N GLY B 27 14.96 -0.71 5.65
CA GLY B 27 15.57 -0.55 6.96
C GLY B 27 16.82 0.27 7.10
N ALA B 28 17.09 1.14 6.14
CA ALA B 28 18.28 1.99 6.20
C ALA B 28 18.22 3.16 5.25
N GLU B 29 19.13 4.10 5.43
N GLU B 29 19.13 4.11 5.42
CA GLU B 29 19.21 5.31 4.61
CA GLU B 29 19.18 5.29 4.58
C GLU B 29 20.37 5.23 3.61
C GLU B 29 20.36 5.22 3.59
N THR B 30 21.10 4.13 3.64
CA THR B 30 22.25 3.92 2.74
C THR B 30 21.77 3.67 1.31
N ALA B 31 22.56 4.16 0.35
CA ALA B 31 22.23 4.05 -1.07
C ALA B 31 22.23 2.65 -1.66
N GLN B 32 21.32 2.44 -2.61
CA GLN B 32 21.18 1.18 -3.31
C GLN B 32 20.55 1.39 -4.67
N CYS B 33 21.12 0.73 -5.68
CA CYS B 33 20.60 0.81 -7.03
C CYS B 33 20.50 -0.59 -7.60
N ILE B 34 19.50 -0.80 -8.45
CA ILE B 34 19.32 -2.08 -9.12
C ILE B 34 19.01 -1.77 -10.58
N GLU B 35 19.62 -2.55 -11.48
N GLU B 35 19.61 -2.56 -11.47
CA GLU B 35 19.36 -2.37 -12.91
CA GLU B 35 19.38 -2.40 -12.90
C GLU B 35 18.39 -3.45 -13.32
C GLU B 35 18.38 -3.46 -13.31
N VAL B 36 17.20 -3.03 -13.76
CA VAL B 36 16.14 -3.95 -14.14
C VAL B 36 15.81 -4.11 -15.61
N GLY B 37 15.60 -5.36 -16.03
CA GLY B 37 15.20 -5.65 -17.40
C GLY B 37 13.68 -5.64 -17.39
N LEU B 38 13.07 -4.71 -18.12
CA LEU B 38 11.62 -4.59 -18.14
C LEU B 38 10.77 -5.75 -18.66
N GLU B 39 11.31 -6.54 -19.59
CA GLU B 39 10.53 -7.65 -20.14
C GLU B 39 10.50 -8.89 -19.25
N THR B 40 11.54 -9.08 -18.45
CA THR B 40 11.65 -10.26 -17.58
C THR B 40 11.61 -9.98 -16.08
N GLY B 41 12.05 -8.79 -15.68
CA GLY B 41 12.11 -8.46 -14.27
C GLY B 41 13.48 -8.82 -13.73
N ASN B 42 14.35 -9.40 -14.58
CA ASN B 42 15.70 -9.77 -14.16
C ASN B 42 16.41 -8.50 -13.67
N PHE B 43 17.12 -8.60 -12.56
CA PHE B 43 17.83 -7.43 -12.04
C PHE B 43 19.14 -7.75 -11.34
N THR B 44 20.05 -6.78 -11.42
CA THR B 44 21.36 -6.88 -10.78
C THR B 44 21.48 -5.71 -9.80
N ILE B 45 22.02 -5.98 -8.61
CA ILE B 45 22.23 -4.92 -7.62
C ILE B 45 23.53 -4.25 -8.03
N THR B 46 23.44 -3.05 -8.60
CA THR B 46 24.60 -2.32 -9.08
C THR B 46 25.31 -1.46 -8.04
N ARG B 47 24.61 -1.17 -6.95
CA ARG B 47 25.17 -0.36 -5.87
C ARG B 47 24.47 -0.70 -4.57
N ALA B 48 25.26 -0.91 -3.52
CA ALA B 48 24.72 -1.23 -2.19
C ALA B 48 25.76 -0.82 -1.16
N ASP B 49 25.54 0.34 -0.53
CA ASP B 49 26.44 0.88 0.48
C ASP B 49 26.08 0.47 1.89
N HIS B 50 25.20 -0.52 2.02
CA HIS B 50 24.74 -1.00 3.32
C HIS B 50 25.80 -1.56 4.27
N ASP B 51 25.60 -1.26 5.55
CA ASP B 51 26.47 -1.71 6.63
C ASP B 51 25.55 -1.47 7.84
N ASN B 52 24.50 -2.29 7.91
CA ASN B 52 23.46 -2.17 8.93
C ASN B 52 23.58 -3.03 10.20
N GLY B 53 24.74 -3.66 10.40
CA GLY B 53 24.92 -4.48 11.58
C GLY B 53 24.05 -5.73 11.56
N ASN B 54 23.38 -6.00 12.67
N ASN B 54 23.38 -6.00 12.67
CA ASN B 54 22.52 -7.18 12.79
CA ASN B 54 22.52 -7.18 12.78
C ASN B 54 21.10 -6.96 12.24
C ASN B 54 21.10 -6.96 12.24
N ASN B 55 20.84 -5.78 11.71
CA ASN B 55 19.52 -5.46 11.16
C ASN B 55 19.54 -5.43 9.64
N VAL B 56 18.44 -5.88 9.02
CA VAL B 56 18.33 -5.87 7.57
C VAL B 56 18.15 -4.45 7.07
N ALA B 57 18.93 -4.08 6.05
CA ALA B 57 18.86 -2.74 5.47
C ALA B 57 17.86 -2.65 4.33
N ALA B 58 17.77 -3.70 3.52
CA ALA B 58 16.88 -3.69 2.38
C ALA B 58 16.53 -5.09 1.89
N TYR B 59 15.52 -5.14 1.03
CA TYR B 59 15.09 -6.40 0.43
C TYR B 59 14.67 -6.16 -1.02
N PRO B 60 15.65 -5.86 -1.90
CA PRO B 60 15.29 -5.65 -3.31
C PRO B 60 14.65 -6.96 -3.77
N ALA B 61 13.50 -6.87 -4.42
CA ALA B 61 12.79 -8.08 -4.81
C ALA B 61 11.84 -7.94 -5.98
N ILE B 62 11.37 -9.09 -6.45
CA ILE B 62 10.40 -9.16 -7.54
C ILE B 62 9.22 -9.92 -6.93
N TYR B 63 8.00 -9.50 -7.22
CA TYR B 63 6.86 -10.21 -6.65
C TYR B 63 5.67 -10.36 -7.57
N PHE B 64 4.79 -11.25 -7.14
CA PHE B 64 3.55 -11.58 -7.83
C PHE B 64 2.50 -11.43 -6.73
N GLY B 65 1.47 -10.63 -6.99
CA GLY B 65 0.44 -10.44 -6.00
C GLY B 65 0.36 -9.02 -5.45
N CYS B 66 0.09 -8.91 -4.15
CA CYS B 66 -0.06 -7.60 -3.50
C CYS B 66 0.89 -7.38 -2.34
N HIS B 67 1.84 -6.47 -2.53
CA HIS B 67 2.84 -6.12 -1.52
C HIS B 67 2.39 -4.80 -0.88
N TRP B 68 1.94 -4.88 0.37
CA TRP B 68 1.44 -3.72 1.10
C TRP B 68 0.42 -2.92 0.29
N GLY B 69 -0.54 -3.64 -0.29
CA GLY B 69 -1.59 -3.00 -1.08
C GLY B 69 -1.30 -2.77 -2.55
N ALA B 70 -0.02 -2.77 -2.92
CA ALA B 70 0.38 -2.56 -4.31
C ALA B 70 0.35 -3.90 -5.04
N CYS B 71 -0.72 -4.12 -5.82
CA CYS B 71 -0.87 -5.37 -6.55
C CYS B 71 -0.38 -5.34 -7.99
N THR B 72 0.08 -6.48 -8.45
CA THR B 72 0.53 -6.65 -9.83
C THR B 72 -0.79 -6.80 -10.62
N SER B 73 -0.70 -6.83 -11.94
N SER B 73 -0.70 -6.89 -11.95
CA SER B 73 -1.88 -6.94 -12.78
CA SER B 73 -1.91 -7.01 -12.76
C SER B 73 -2.44 -8.36 -12.91
C SER B 73 -2.51 -8.41 -12.85
N ASN B 74 -3.73 -8.48 -12.59
N ASN B 74 -3.81 -8.49 -12.53
CA ASN B 74 -4.46 -9.74 -12.67
CA ASN B 74 -4.60 -9.73 -12.58
C ASN B 74 -3.74 -10.95 -12.08
C ASN B 74 -3.90 -10.98 -12.02
N SER B 75 -3.36 -10.86 -10.81
CA SER B 75 -2.67 -11.96 -10.14
C SER B 75 -3.62 -13.04 -9.65
N GLY B 76 -4.88 -12.68 -9.45
CA GLY B 76 -5.85 -13.63 -8.93
C GLY B 76 -5.76 -13.70 -7.41
N LEU B 77 -4.86 -12.88 -6.85
CA LEU B 77 -4.65 -12.80 -5.41
C LEU B 77 -5.21 -11.46 -4.91
N PRO B 78 -5.55 -11.37 -3.61
CA PRO B 78 -5.44 -12.41 -2.59
C PRO B 78 -6.48 -13.53 -2.74
N ARG B 79 -6.10 -14.72 -2.31
CA ARG B 79 -6.94 -15.90 -2.39
C ARG B 79 -6.75 -16.72 -1.13
N ARG B 80 -7.83 -17.30 -0.59
CA ARG B 80 -7.72 -18.11 0.61
C ARG B 80 -6.87 -19.35 0.36
N VAL B 81 -6.06 -19.70 1.34
CA VAL B 81 -5.19 -20.87 1.25
C VAL B 81 -5.96 -22.15 0.92
N GLN B 82 -7.13 -22.31 1.52
CA GLN B 82 -7.96 -23.49 1.31
C GLN B 82 -8.52 -23.59 -0.12
N GLU B 83 -8.41 -22.51 -0.89
CA GLU B 83 -8.89 -22.50 -2.26
C GLU B 83 -7.79 -22.73 -3.30
N LEU B 84 -6.55 -22.89 -2.84
CA LEU B 84 -5.41 -23.11 -3.73
C LEU B 84 -5.18 -24.59 -3.99
N SER B 85 -4.89 -24.93 -5.24
CA SER B 85 -4.63 -26.33 -5.58
C SER B 85 -3.17 -26.54 -5.97
N ASP B 86 -2.55 -25.49 -6.52
CA ASP B 86 -1.16 -25.59 -6.95
C ASP B 86 -0.51 -24.20 -7.00
N VAL B 87 0.71 -24.12 -6.48
CA VAL B 87 1.48 -22.88 -6.49
C VAL B 87 2.90 -23.30 -6.85
N ARG B 88 3.38 -22.78 -7.98
CA ARG B 88 4.71 -23.12 -8.49
C ARG B 88 5.54 -21.88 -8.74
N THR B 89 6.86 -22.04 -8.69
CA THR B 89 7.75 -20.92 -8.93
C THR B 89 9.12 -21.36 -9.44
N SER B 90 9.76 -20.48 -10.20
CA SER B 90 11.10 -20.74 -10.72
C SER B 90 11.92 -19.48 -10.45
N TRP B 91 13.21 -19.66 -10.26
CA TRP B 91 14.11 -18.54 -10.00
C TRP B 91 15.56 -18.99 -10.13
N THR B 92 16.41 -18.10 -10.62
CA THR B 92 17.83 -18.36 -10.74
C THR B 92 18.54 -17.17 -10.15
N LEU B 93 19.43 -17.42 -9.18
CA LEU B 93 20.19 -16.35 -8.55
C LEU B 93 21.68 -16.48 -8.83
N THR B 94 22.37 -15.34 -8.85
CA THR B 94 23.81 -15.33 -9.04
C THR B 94 24.38 -14.81 -7.73
N PRO B 95 25.05 -15.68 -6.97
CA PRO B 95 25.63 -15.26 -5.68
C PRO B 95 26.96 -14.53 -5.81
N ILE B 96 27.34 -13.86 -4.73
CA ILE B 96 28.62 -13.15 -4.66
C ILE B 96 29.36 -13.75 -3.48
N THR B 97 30.67 -13.52 -3.41
CA THR B 97 31.46 -14.08 -2.33
C THR B 97 31.63 -13.18 -1.11
N THR B 98 31.23 -11.92 -1.24
CA THR B 98 31.35 -10.97 -0.13
C THR B 98 30.02 -10.52 0.44
N GLY B 99 30.09 -9.76 1.53
CA GLY B 99 28.91 -9.23 2.19
C GLY B 99 28.09 -10.18 3.04
N ARG B 100 27.07 -9.63 3.69
N ARG B 100 27.07 -9.63 3.67
CA ARG B 100 26.17 -10.41 4.53
CA ARG B 100 26.16 -10.39 4.53
C ARG B 100 24.77 -10.26 3.93
C ARG B 100 24.77 -10.25 3.92
N TRP B 101 24.26 -11.35 3.37
CA TRP B 101 22.96 -11.35 2.71
C TRP B 101 22.39 -12.74 2.55
N ASN B 102 21.15 -12.82 2.10
CA ASN B 102 20.53 -14.10 1.80
C ASN B 102 19.78 -13.95 0.48
N ALA B 103 19.40 -15.09 -0.09
CA ALA B 103 18.63 -15.14 -1.34
C ALA B 103 17.42 -15.93 -0.88
N ALA B 104 16.28 -15.26 -0.75
CA ALA B 104 15.10 -15.92 -0.24
C ALA B 104 13.75 -15.43 -0.69
N TYR B 105 12.79 -16.36 -0.66
CA TYR B 105 11.41 -16.06 -0.99
C TYR B 105 10.79 -15.48 0.28
N ASP B 106 9.84 -14.58 0.10
CA ASP B 106 9.12 -13.95 1.20
C ASP B 106 7.67 -14.06 0.76
N ILE B 107 6.88 -14.87 1.46
CA ILE B 107 5.48 -15.10 1.11
C ILE B 107 4.58 -14.61 2.23
N TRP B 108 3.63 -13.74 1.87
CA TRP B 108 2.73 -13.13 2.85
C TRP B 108 1.31 -13.65 2.91
N PHE B 109 0.82 -13.81 4.14
CA PHE B 109 -0.53 -14.30 4.41
C PHE B 109 -1.17 -13.40 5.47
N SER B 110 -2.50 -13.25 5.43
CA SER B 110 -3.20 -12.47 6.43
C SER B 110 -4.69 -12.83 6.42
N PRO B 111 -5.39 -12.57 7.53
CA PRO B 111 -6.83 -12.88 7.65
C PRO B 111 -7.74 -12.02 6.78
N VAL B 112 -7.24 -10.86 6.33
CA VAL B 112 -8.05 -9.96 5.53
C VAL B 112 -7.54 -9.73 4.10
N THR B 113 -8.41 -9.20 3.25
CA THR B 113 -8.08 -8.95 1.84
C THR B 113 -7.29 -7.68 1.56
N ASN B 114 -7.32 -6.73 2.48
N ASN B 114 -7.30 -6.73 2.50
CA ASN B 114 -6.59 -5.48 2.33
CA ASN B 114 -6.60 -5.47 2.35
C ASN B 114 -5.23 -5.59 3.02
C ASN B 114 -5.24 -5.58 3.03
N SER B 115 -4.16 -5.24 2.30
CA SER B 115 -2.82 -5.34 2.87
C SER B 115 -2.08 -4.00 2.92
N GLY B 116 -2.83 -2.90 2.79
CA GLY B 116 -2.23 -1.58 2.83
C GLY B 116 -1.38 -1.29 4.05
N ASN B 117 -1.79 -1.79 5.21
N ASN B 117 -1.82 -1.80 5.21
CA ASN B 117 -1.04 -1.56 6.44
CA ASN B 117 -1.13 -1.61 6.48
C ASN B 117 -0.26 -2.79 6.91
C ASN B 117 -0.39 -2.88 6.92
N GLY B 118 0.08 -3.66 5.97
CA GLY B 118 0.82 -4.87 6.31
C GLY B 118 0.00 -6.13 6.50
N TYR B 119 0.59 -7.08 7.21
CA TYR B 119 -0.03 -8.37 7.43
C TYR B 119 -0.06 -8.79 8.90
N SER B 120 -0.34 -7.82 9.77
CA SER B 120 -0.42 -8.08 11.21
C SER B 120 -1.44 -9.17 11.48
N GLY B 121 -1.09 -10.12 12.33
CA GLY B 121 -2.00 -11.21 12.65
C GLY B 121 -2.00 -12.30 11.59
N GLY B 122 -1.11 -12.18 10.63
CA GLY B 122 -1.02 -13.17 9.56
C GLY B 122 0.22 -14.02 9.68
N ALA B 123 0.88 -14.26 8.54
CA ALA B 123 2.09 -15.07 8.52
C ALA B 123 3.03 -14.65 7.40
N GLU B 124 4.33 -14.84 7.67
CA GLU B 124 5.38 -14.54 6.71
C GLU B 124 6.13 -15.86 6.57
N LEU B 125 6.11 -16.44 5.38
CA LEU B 125 6.78 -17.69 5.12
C LEU B 125 7.97 -17.44 4.21
N MET B 126 9.17 -17.71 4.72
CA MET B 126 10.38 -17.51 3.94
C MET B 126 11.02 -18.83 3.53
N ILE B 127 11.69 -18.81 2.39
CA ILE B 127 12.39 -19.98 1.87
C ILE B 127 13.78 -19.50 1.49
N TRP B 128 14.77 -19.81 2.35
CA TRP B 128 16.16 -19.40 2.13
C TRP B 128 16.87 -20.40 1.22
N LEU B 129 17.35 -19.92 0.09
CA LEU B 129 18.05 -20.76 -0.88
C LEU B 129 19.56 -20.61 -0.83
N ASN B 130 20.03 -19.39 -0.54
CA ASN B 130 21.46 -19.13 -0.46
C ASN B 130 21.70 -17.99 0.53
N TRP B 131 22.95 -17.85 0.97
CA TRP B 131 23.29 -16.82 1.95
C TRP B 131 24.81 -16.71 2.09
N ASN B 132 25.26 -15.67 2.77
CA ASN B 132 26.68 -15.43 3.00
C ASN B 132 26.87 -14.52 4.21
N GLY B 133 28.03 -14.61 4.85
CA GLY B 133 28.31 -13.77 5.99
C GLY B 133 27.80 -14.20 7.35
N GLY B 134 27.41 -15.46 7.48
CA GLY B 134 26.93 -15.98 8.75
C GLY B 134 25.56 -15.53 9.22
N VAL B 135 24.73 -15.02 8.32
CA VAL B 135 23.38 -14.59 8.69
C VAL B 135 22.51 -15.80 9.01
N MET B 136 21.59 -15.62 9.96
CA MET B 136 20.69 -16.69 10.40
C MET B 136 19.23 -16.24 10.39
N PRO B 137 18.30 -17.19 10.21
CA PRO B 137 16.87 -16.86 10.21
C PRO B 137 16.46 -16.42 11.61
N GLY B 138 15.30 -15.78 11.73
CA GLY B 138 14.83 -15.35 13.03
C GLY B 138 14.24 -16.52 13.81
N GLY B 139 13.98 -16.29 15.09
CA GLY B 139 13.40 -17.32 15.93
C GLY B 139 14.34 -18.47 16.24
N SER B 140 13.79 -19.68 16.33
CA SER B 140 14.59 -20.86 16.62
C SER B 140 14.17 -22.02 15.72
N ARG B 141 15.10 -22.95 15.51
CA ARG B 141 14.84 -24.11 14.67
C ARG B 141 13.97 -25.10 15.45
N VAL B 142 12.75 -25.31 14.96
CA VAL B 142 11.81 -26.21 15.61
C VAL B 142 11.73 -27.59 14.96
N ALA B 143 12.24 -27.72 13.74
CA ALA B 143 12.20 -29.01 13.05
C ALA B 143 13.05 -29.06 11.79
N THR B 144 13.03 -30.22 11.16
CA THR B 144 13.74 -30.49 9.92
C THR B 144 12.74 -31.30 9.12
N VAL B 145 12.49 -30.87 7.88
CA VAL B 145 11.52 -31.55 7.04
C VAL B 145 12.01 -31.72 5.61
N GLU B 146 11.49 -32.77 4.97
N GLU B 146 11.50 -32.75 4.95
CA GLU B 146 11.82 -33.08 3.58
CA GLU B 146 11.87 -33.02 3.56
C GLU B 146 10.67 -32.60 2.71
C GLU B 146 10.70 -32.62 2.68
N LEU B 147 10.93 -31.61 1.85
CA LEU B 147 9.91 -31.07 0.96
C LEU B 147 10.52 -30.76 -0.39
N ALA B 148 9.73 -30.98 -1.45
CA ALA B 148 10.14 -30.68 -2.81
C ALA B 148 11.51 -31.26 -3.21
N GLY B 149 11.79 -32.48 -2.77
CA GLY B 149 13.05 -33.12 -3.11
C GLY B 149 14.30 -32.58 -2.42
N ALA B 150 14.13 -31.91 -1.28
CA ALA B 150 15.27 -31.37 -0.53
C ALA B 150 14.98 -31.34 0.96
N THR B 151 16.03 -31.13 1.75
CA THR B 151 15.90 -31.07 3.21
C THR B 151 15.91 -29.61 3.65
N TRP B 152 15.02 -29.27 4.58
CA TRP B 152 14.91 -27.90 5.06
C TRP B 152 14.84 -27.79 6.57
N GLU B 153 15.54 -26.79 7.10
CA GLU B 153 15.51 -26.51 8.54
C GLU B 153 14.26 -25.63 8.69
N VAL B 154 13.47 -25.88 9.72
CA VAL B 154 12.27 -25.08 9.94
C VAL B 154 12.46 -24.17 11.13
N TRP B 155 12.45 -22.87 10.88
CA TRP B 155 12.61 -21.87 11.93
C TRP B 155 11.28 -21.16 12.16
N TYR B 156 10.99 -20.85 13.42
CA TYR B 156 9.75 -20.18 13.76
C TYR B 156 9.95 -19.10 14.82
N ALA B 157 9.16 -18.04 14.69
CA ALA B 157 9.19 -16.91 15.62
C ALA B 157 7.79 -16.34 15.75
N ASP B 158 7.41 -16.02 16.99
CA ASP B 158 6.10 -15.47 17.29
C ASP B 158 6.18 -13.95 17.44
N TRP B 159 5.91 -13.22 16.36
CA TRP B 159 5.93 -11.76 16.36
C TRP B 159 4.51 -11.25 16.13
N ASP B 160 4.38 -10.04 15.59
CA ASP B 160 3.07 -9.47 15.30
C ASP B 160 2.35 -10.35 14.26
N TRP B 161 3.13 -11.18 13.60
CA TRP B 161 2.65 -12.16 12.62
C TRP B 161 3.56 -13.38 12.79
N ASN B 162 3.08 -14.55 12.37
CA ASN B 162 3.88 -15.76 12.47
C ASN B 162 4.99 -15.76 11.44
N TYR B 163 6.23 -15.90 11.91
CA TYR B 163 7.40 -15.93 11.03
C TYR B 163 7.83 -17.38 10.89
N ILE B 164 7.82 -17.87 9.66
CA ILE B 164 8.25 -19.24 9.38
C ILE B 164 9.31 -19.19 8.30
N ALA B 165 10.49 -19.70 8.59
CA ALA B 165 11.57 -19.71 7.62
C ALA B 165 12.09 -21.11 7.36
N TYR B 166 12.09 -21.50 6.09
CA TYR B 166 12.60 -22.81 5.68
C TYR B 166 13.97 -22.57 5.07
N ARG B 167 15.02 -23.04 5.73
CA ARG B 167 16.37 -22.87 5.22
C ARG B 167 16.90 -24.18 4.68
N ARG B 168 17.31 -24.18 3.42
CA ARG B 168 17.84 -25.38 2.77
C ARG B 168 19.11 -25.81 3.51
N THR B 169 19.26 -27.10 3.76
CA THR B 169 20.43 -27.61 4.46
C THR B 169 21.73 -27.33 3.73
N THR B 170 21.64 -27.26 2.40
CA THR B 170 22.78 -26.95 1.54
C THR B 170 22.29 -25.89 0.56
N PRO B 171 23.12 -24.87 0.27
CA PRO B 171 22.73 -23.80 -0.65
C PRO B 171 22.52 -24.26 -2.08
N THR B 172 21.71 -23.50 -2.82
CA THR B 172 21.44 -23.77 -4.23
C THR B 172 21.35 -22.43 -4.94
N THR B 173 21.47 -22.45 -6.26
CA THR B 173 21.41 -21.19 -7.03
C THR B 173 20.22 -21.13 -7.98
N SER B 174 19.42 -22.18 -8.04
N SER B 174 19.40 -22.17 -8.01
CA SER B 174 18.27 -22.22 -8.94
CA SER B 174 18.24 -22.17 -8.88
C SER B 174 17.21 -23.25 -8.56
C SER B 174 17.20 -23.21 -8.49
N VAL B 175 15.95 -22.91 -8.79
CA VAL B 175 14.83 -23.80 -8.53
C VAL B 175 13.96 -23.69 -9.77
N SER B 176 13.41 -24.82 -10.20
CA SER B 176 12.54 -24.84 -11.36
C SER B 176 11.25 -25.53 -10.99
N GLU B 177 10.15 -24.78 -11.09
CA GLU B 177 8.82 -25.29 -10.77
C GLU B 177 8.75 -25.86 -9.36
N LEU B 178 9.32 -25.11 -8.42
CA LEU B 178 9.32 -25.49 -7.01
C LEU B 178 7.87 -25.49 -6.52
N ASP B 179 7.49 -26.55 -5.82
CA ASP B 179 6.15 -26.70 -5.27
C ASP B 179 6.02 -25.88 -3.98
N LEU B 180 5.51 -24.65 -4.09
CA LEU B 180 5.34 -23.79 -2.92
C LEU B 180 4.21 -24.28 -2.02
N LYS B 181 3.21 -24.93 -2.61
N LYS B 181 3.21 -24.94 -2.61
CA LYS B 181 2.07 -25.43 -1.84
CA LYS B 181 2.07 -25.45 -1.86
C LYS B 181 2.52 -26.45 -0.79
C LYS B 181 2.50 -26.46 -0.81
N ALA B 182 3.58 -27.18 -1.09
CA ALA B 182 4.11 -28.18 -0.16
C ALA B 182 4.58 -27.50 1.12
N PHE B 183 5.19 -26.33 0.98
CA PHE B 183 5.67 -25.55 2.13
C PHE B 183 4.48 -24.97 2.89
N ILE B 184 3.50 -24.46 2.14
CA ILE B 184 2.29 -23.89 2.73
C ILE B 184 1.53 -24.96 3.53
N ASP B 185 1.41 -26.16 2.96
CA ASP B 185 0.72 -27.26 3.62
C ASP B 185 1.42 -27.68 4.90
N ASP B 186 2.75 -27.62 4.88
CA ASP B 186 3.54 -27.98 6.06
C ASP B 186 3.29 -26.97 7.17
N ALA B 187 3.29 -25.69 6.82
CA ALA B 187 3.06 -24.62 7.79
C ALA B 187 1.64 -24.69 8.37
N VAL B 188 0.68 -25.07 7.54
CA VAL B 188 -0.70 -25.20 7.99
C VAL B 188 -0.80 -26.35 9.00
N ALA B 189 -0.17 -27.47 8.66
CA ALA B 189 -0.18 -28.66 9.53
C ALA B 189 0.44 -28.37 10.89
N ARG B 190 1.44 -27.49 10.91
CA ARG B 190 2.11 -27.11 12.16
C ARG B 190 1.30 -26.05 12.90
N GLY B 191 0.22 -25.58 12.27
CA GLY B 191 -0.63 -24.58 12.87
C GLY B 191 -0.11 -23.15 12.80
N TYR B 192 0.89 -22.93 11.94
CA TYR B 192 1.48 -21.60 11.77
C TYR B 192 0.66 -20.73 10.81
N ILE B 193 -0.10 -21.38 9.95
CA ILE B 193 -0.96 -20.71 8.97
C ILE B 193 -2.34 -21.33 8.99
N ARG B 194 -3.38 -20.49 9.02
CA ARG B 194 -4.75 -20.99 9.01
C ARG B 194 -5.24 -21.06 7.57
N PRO B 195 -5.92 -22.16 7.20
CA PRO B 195 -6.44 -22.34 5.84
C PRO B 195 -7.39 -21.27 5.33
N GLU B 196 -8.07 -20.56 6.25
CA GLU B 196 -9.00 -19.51 5.84
C GLU B 196 -8.28 -18.18 5.60
N TRP B 197 -6.98 -18.14 5.88
CA TRP B 197 -6.20 -16.92 5.65
C TRP B 197 -5.95 -16.75 4.16
N TYR B 198 -5.65 -15.52 3.76
CA TYR B 198 -5.40 -15.21 2.37
C TYR B 198 -3.92 -15.16 2.03
N LEU B 199 -3.58 -15.66 0.85
CA LEU B 199 -2.22 -15.61 0.33
C LEU B 199 -2.25 -14.28 -0.43
N HIS B 200 -1.39 -13.34 -0.05
CA HIS B 200 -1.35 -12.03 -0.69
C HIS B 200 -0.28 -11.86 -1.75
N ALA B 201 0.91 -12.37 -1.46
CA ALA B 201 2.01 -12.19 -2.40
C ALA B 201 3.10 -13.23 -2.28
N VAL B 202 3.75 -13.51 -3.40
CA VAL B 202 4.88 -14.43 -3.47
C VAL B 202 6.01 -13.55 -3.98
N GLU B 203 7.04 -13.39 -3.15
CA GLU B 203 8.16 -12.54 -3.52
C GLU B 203 9.47 -13.28 -3.35
N THR B 204 10.49 -12.80 -4.05
CA THR B 204 11.82 -13.35 -3.89
C THR B 204 12.81 -12.24 -4.17
N GLY B 205 13.93 -12.29 -3.46
CA GLY B 205 14.94 -11.28 -3.60
C GLY B 205 16.07 -11.56 -2.64
N PHE B 206 16.75 -10.50 -2.21
CA PHE B 206 17.90 -10.63 -1.32
C PHE B 206 17.79 -9.73 -0.10
N GLU B 207 17.81 -10.31 1.10
CA GLU B 207 17.78 -9.51 2.31
C GLU B 207 19.23 -9.07 2.48
N LEU B 208 19.45 -7.77 2.56
CA LEU B 208 20.81 -7.24 2.68
C LEU B 208 21.10 -6.61 4.03
N TRP B 209 22.19 -7.06 4.66
CA TRP B 209 22.65 -6.53 5.95
C TRP B 209 23.87 -5.65 5.68
N GLU B 210 24.74 -6.13 4.80
CA GLU B 210 25.96 -5.43 4.42
C GLU B 210 26.36 -5.76 2.98
N GLY B 211 26.58 -4.71 2.19
CA GLY B 211 26.97 -4.89 0.80
C GLY B 211 25.87 -5.51 -0.05
N GLY B 212 26.26 -6.27 -1.07
CA GLY B 212 25.27 -6.90 -1.93
C GLY B 212 25.42 -6.61 -3.42
N ALA B 213 26.27 -5.65 -3.77
CA ALA B 213 26.47 -5.30 -5.17
C ALA B 213 27.00 -6.51 -5.96
N GLY B 214 26.34 -6.81 -7.08
CA GLY B 214 26.75 -7.93 -7.89
C GLY B 214 25.74 -9.07 -7.91
N LEU B 215 24.89 -9.13 -6.89
CA LEU B 215 23.85 -10.16 -6.81
C LEU B 215 22.88 -9.97 -7.97
N ARG B 216 22.45 -11.08 -8.57
CA ARG B 216 21.51 -11.02 -9.68
C ARG B 216 20.34 -11.97 -9.52
N SER B 217 19.16 -11.48 -9.88
CA SER B 217 17.91 -12.23 -9.83
C SER B 217 17.47 -12.40 -11.28
N ALA B 218 17.08 -13.62 -11.64
CA ALA B 218 16.63 -13.90 -13.01
C ALA B 218 15.66 -15.07 -13.11
N ASP B 219 15.02 -15.19 -14.26
CA ASP B 219 14.09 -16.29 -14.56
C ASP B 219 12.94 -16.46 -13.58
N PHE B 220 12.47 -15.36 -12.99
CA PHE B 220 11.36 -15.46 -12.04
C PHE B 220 10.03 -15.78 -12.69
N SER B 221 9.29 -16.69 -12.06
N SER B 221 9.30 -16.69 -12.05
CA SER B 221 7.96 -17.06 -12.53
CA SER B 221 7.98 -17.09 -12.52
C SER B 221 7.17 -17.63 -11.36
C SER B 221 7.17 -17.63 -11.35
N VAL B 222 5.88 -17.31 -11.34
CA VAL B 222 4.98 -17.78 -10.29
C VAL B 222 3.66 -18.06 -10.97
N THR B 223 3.08 -19.22 -10.67
CA THR B 223 1.75 -19.56 -11.20
C THR B 223 0.93 -20.05 -10.03
N VAL B 224 -0.35 -19.69 -10.03
CA VAL B 224 -1.25 -20.10 -8.98
C VAL B 224 -2.50 -20.67 -9.63
N GLN B 225 -2.91 -21.84 -9.16
N GLN B 225 -2.92 -21.85 -9.17
CA GLN B 225 -4.11 -22.50 -9.66
CA GLN B 225 -4.12 -22.49 -9.68
C GLN B 225 -5.09 -22.72 -8.52
C GLN B 225 -5.09 -22.72 -8.52
N LYS B 226 -6.34 -22.31 -8.74
CA LYS B 226 -7.38 -22.46 -7.72
C LYS B 226 -8.16 -23.76 -7.91
N LEU B 227 -8.81 -24.22 -6.85
CA LEU B 227 -9.61 -25.44 -6.91
C LEU B 227 -10.82 -25.28 -7.83
N ALA B 228 -11.13 -26.23 -8.57
N1 EPE C . -15.59 5.93 6.16
C2 EPE C . -14.97 5.61 4.83
C3 EPE C . -14.76 6.93 4.10
N4 EPE C . -16.05 7.57 3.82
C5 EPE C . -16.73 7.86 5.11
C6 EPE C . -16.94 6.58 5.93
C7 EPE C . -15.91 8.86 3.11
C8 EPE C . -15.23 8.71 1.77
O8 EPE C . -15.91 7.83 0.89
C9 EPE C . -15.84 4.69 6.98
C10 EPE C . -16.88 3.78 6.29
S EPE C . -17.14 2.32 7.30
O1S EPE C . -18.12 1.52 6.62
O2S EPE C . -17.62 2.80 8.61
O3S EPE C . -15.86 1.67 7.38
N1 EPE D . 9.11 -6.82 7.49
C2 EPE D . 9.87 -6.33 6.29
C3 EPE D . 10.18 -7.52 5.40
N4 EPE D . 11.08 -8.44 6.11
C5 EPE D . 10.42 -8.94 7.34
C6 EPE D . 10.02 -7.78 8.25
C7 EPE D . 11.43 -9.63 5.29
C8 EPE D . 12.14 -9.28 4.00
O8 EPE D . 13.18 -8.32 4.16
C9 EPE D . 8.76 -5.71 8.43
C10 EPE D . 8.03 -4.58 7.65
S EPE D . 7.61 -3.25 8.79
O1S EPE D . 6.94 -2.24 7.99
O2S EPE D . 8.87 -2.75 9.35
O3S EPE D . 6.75 -3.84 9.79
#